data_7M49
#
_entry.id   7M49
#
_cell.length_a   56.146
_cell.length_b   62.771
_cell.length_c   140.568
_cell.angle_alpha   90.000
_cell.angle_beta   90.000
_cell.angle_gamma   90.000
#
_symmetry.space_group_name_H-M   'P 21 21 21'
#
loop_
_entity.id
_entity.type
_entity.pdbx_description
1 polymer 'DNA polymerase lambda'
2 polymer "DNA (5'-D(*CP*GP*GP*CP*AP*GP*TP*AP*CP*TP*G)-3')"
3 polymer "DNA (5'-D(*CP*AP*GP*TP*AP*CP*T)-3')"
4 polymer "DNA (5'-D(P*GP*CP*CP*G)-3')"
5 non-polymer 'SODIUM ION'
6 non-polymer 'MANGANESE (II) ION'
7 non-polymer "THYMIDINE-5'-TRIPHOSPHATE"
8 non-polymer PYROPHOSPHATE
9 non-polymer 1,2-ETHANEDIOL
10 non-polymer GLYCEROL
11 water water
#
loop_
_entity_poly.entity_id
_entity_poly.type
_entity_poly.pdbx_seq_one_letter_code
_entity_poly.pdbx_strand_id
1 'polypeptide(L)'
;AQPSSQKATNHNLHITEKLEVLAKAYSVQGDKWRALGYAKAINALKSFHKPVTSYQEACSIPGIGKRMAEKIIEILESGH
LRKLDHISESVPVLELFSNIWGAGTKTAQMWYQQGFRSLEDIRSQASLTTQQAIGLKHYSDFLERMPREEATEIEQTVQK
AAQAFNSGLLCVACGSYRRGKATCGDVDVLITHPDGRSHRGIFSRLLDSLRQEGFLTDDLVKGETKYLGVCRLPGPGRRH
RRLDIIVVPYSEFACALLYFTGSAHFNRSMRALAKTKGMSLSEHALSTAVVRNTHGAKVGPGRVLPTPTEKDVFRLLGLP
YREPAERDW
;
A
2 'polydeoxyribonucleotide' (DC)(DG)(DG)(DC)(DA)(DG)(DT)(DA)(DC)(DT)(DG) T
3 'polydeoxyribonucleotide' (DC)(DA)(DG)(DT)(DA)(DC)(DT) P
4 'polydeoxyribonucleotide' (DG)(DC)(DC)(DG) D
#
loop_
_chem_comp.id
_chem_comp.type
_chem_comp.name
_chem_comp.formula
DA DNA linking 2'-DEOXYADENOSINE-5'-MONOPHOSPHATE 'C10 H14 N5 O6 P'
DC DNA linking 2'-DEOXYCYTIDINE-5'-MONOPHOSPHATE 'C9 H14 N3 O7 P'
DG DNA linking 2'-DEOXYGUANOSINE-5'-MONOPHOSPHATE 'C10 H14 N5 O7 P'
DT DNA linking THYMIDINE-5'-MONOPHOSPHATE 'C10 H15 N2 O8 P'
EDO non-polymer 1,2-ETHANEDIOL 'C2 H6 O2'
GOL non-polymer GLYCEROL 'C3 H8 O3'
MN non-polymer 'MANGANESE (II) ION' 'Mn 2'
NA non-polymer 'SODIUM ION' 'Na 1'
PPV non-polymer PYROPHOSPHATE 'H4 O7 P2'
TTP non-polymer THYMIDINE-5'-TRIPHOSPHATE 'C10 H17 N2 O14 P3'
#
# COMPACT_ATOMS: atom_id res chain seq x y z
N ASN A 10 -12.82 6.18 -17.35
CA ASN A 10 -13.84 5.43 -16.64
C ASN A 10 -15.24 5.75 -17.16
N HIS A 11 -15.85 4.74 -17.79
CA HIS A 11 -17.19 4.86 -18.35
C HIS A 11 -18.28 4.94 -17.30
N ASN A 12 -17.99 4.63 -16.05
CA ASN A 12 -19.03 4.44 -15.04
C ASN A 12 -18.77 5.25 -13.79
N LEU A 13 -18.33 6.52 -13.95
CA LEU A 13 -18.10 7.36 -12.78
C LEU A 13 -19.38 7.53 -11.97
N HIS A 14 -20.53 7.65 -12.63
CA HIS A 14 -21.78 7.82 -11.92
C HIS A 14 -22.12 6.63 -11.03
N ILE A 15 -21.59 5.45 -11.35
CA ILE A 15 -21.74 4.30 -10.46
C ILE A 15 -20.64 4.26 -9.42
N THR A 16 -19.38 4.29 -9.86
CA THR A 16 -18.29 4.05 -8.92
C THR A 16 -18.19 5.13 -7.86
N GLU A 17 -18.54 6.37 -8.22
CA GLU A 17 -18.46 7.46 -7.26
C GLU A 17 -19.34 7.17 -6.04
N LYS A 18 -20.52 6.58 -6.26
CA LYS A 18 -21.38 6.27 -5.14
C LYS A 18 -20.90 5.01 -4.41
N LEU A 19 -20.48 3.98 -5.14
CA LEU A 19 -20.02 2.78 -4.44
C LEU A 19 -18.76 3.07 -3.60
N GLU A 20 -17.90 3.98 -4.06
CA GLU A 20 -16.71 4.31 -3.27
C GLU A 20 -17.09 4.83 -1.90
N VAL A 21 -18.20 5.56 -1.79
CA VAL A 21 -18.62 6.07 -0.49
C VAL A 21 -18.93 4.91 0.46
N LEU A 22 -19.70 3.93 0.01
CA LEU A 22 -20.03 2.80 0.87
C LEU A 22 -18.80 1.95 1.17
N ALA A 23 -17.92 1.77 0.19
CA ALA A 23 -16.68 1.04 0.43
C ALA A 23 -15.87 1.67 1.56
N LYS A 24 -15.69 3.00 1.52
CA LYS A 24 -14.94 3.69 2.55
C LYS A 24 -15.62 3.56 3.90
N ALA A 25 -16.96 3.60 3.91
CA ALA A 25 -17.71 3.44 5.15
C ALA A 25 -17.49 2.06 5.76
N TYR A 26 -17.65 1.00 4.95
CA TYR A 26 -17.35 -0.33 5.47
C TYR A 26 -15.91 -0.43 5.96
N SER A 27 -14.96 0.17 5.24
CA SER A 27 -13.56 0.01 5.59
C SER A 27 -13.25 0.65 6.96
N VAL A 28 -13.66 1.91 7.14
CA VAL A 28 -13.34 2.57 8.41
C VAL A 28 -14.11 1.95 9.58
N GLN A 29 -15.26 1.32 9.34
CA GLN A 29 -15.98 0.61 10.39
C GLN A 29 -15.43 -0.78 10.67
N GLY A 30 -14.42 -1.24 9.94
CA GLY A 30 -13.78 -2.50 10.27
C GLY A 30 -14.27 -3.69 9.48
N ASP A 31 -15.19 -3.50 8.52
CA ASP A 31 -15.78 -4.62 7.77
C ASP A 31 -14.92 -4.86 6.54
N LYS A 32 -13.75 -5.45 6.79
CA LYS A 32 -12.69 -5.42 5.79
C LYS A 32 -13.02 -6.27 4.57
N TRP A 33 -13.70 -7.41 4.76
CA TRP A 33 -13.96 -8.25 3.59
C TRP A 33 -15.05 -7.68 2.72
N ARG A 34 -16.09 -7.09 3.32
CA ARG A 34 -17.12 -6.47 2.49
C ARG A 34 -16.52 -5.28 1.74
N ALA A 35 -15.66 -4.52 2.41
CA ALA A 35 -14.97 -3.40 1.75
C ALA A 35 -14.09 -3.89 0.61
N LEU A 36 -13.42 -5.02 0.81
CA LEU A 36 -12.63 -5.60 -0.27
C LEU A 36 -13.49 -5.91 -1.49
N GLY A 37 -14.64 -6.55 -1.28
CA GLY A 37 -15.51 -6.86 -2.40
C GLY A 37 -15.93 -5.62 -3.14
N TYR A 38 -16.25 -4.56 -2.40
CA TYR A 38 -16.56 -3.29 -3.04
C TYR A 38 -15.37 -2.75 -3.82
N ALA A 39 -14.18 -2.80 -3.21
CA ALA A 39 -12.99 -2.27 -3.87
C ALA A 39 -12.75 -2.96 -5.20
N LYS A 40 -12.92 -4.29 -5.23
CA LYS A 40 -12.67 -5.04 -6.45
C LYS A 40 -13.72 -4.72 -7.51
N ALA A 41 -14.99 -4.63 -7.09
CA ALA A 41 -16.05 -4.31 -8.04
C ALA A 41 -15.83 -2.96 -8.67
N ILE A 42 -15.35 -1.99 -7.88
CA ILE A 42 -15.14 -0.64 -8.37
C ILE A 42 -14.04 -0.64 -9.42
N ASN A 43 -12.93 -1.32 -9.13
CA ASN A 43 -11.91 -1.53 -10.15
C ASN A 43 -12.51 -2.13 -11.41
N ALA A 44 -13.22 -3.26 -11.26
CA ALA A 44 -13.83 -3.91 -12.42
C ALA A 44 -14.68 -2.93 -13.21
N LEU A 45 -15.43 -2.07 -12.52
CA LEU A 45 -16.31 -1.16 -13.24
C LEU A 45 -15.51 -0.04 -13.92
N LYS A 46 -14.47 0.44 -13.23
CA LYS A 46 -13.64 1.50 -13.81
C LYS A 46 -12.88 1.04 -15.05
N SER A 47 -12.75 -0.27 -15.25
N SER A 47 -12.76 -0.27 -15.25
CA SER A 47 -11.98 -0.81 -16.38
CA SER A 47 -12.00 -0.84 -16.35
C SER A 47 -12.88 -1.42 -17.45
C SER A 47 -12.88 -1.37 -17.47
N PHE A 48 -14.20 -1.27 -17.33
CA PHE A 48 -15.10 -1.63 -18.42
C PHE A 48 -15.11 -0.53 -19.45
N HIS A 49 -15.03 -0.90 -20.73
CA HIS A 49 -15.05 0.12 -21.78
C HIS A 49 -16.32 0.96 -21.70
N LYS A 50 -17.48 0.31 -21.88
CA LYS A 50 -18.74 1.02 -22.04
C LYS A 50 -19.50 1.13 -20.73
N PRO A 51 -20.37 2.12 -20.61
CA PRO A 51 -21.32 2.14 -19.49
C PRO A 51 -22.03 0.80 -19.33
N VAL A 52 -22.19 0.39 -18.08
CA VAL A 52 -23.00 -0.78 -17.75
C VAL A 52 -24.47 -0.38 -17.85
N THR A 53 -25.27 -1.15 -18.59
CA THR A 53 -26.65 -0.78 -18.87
C THR A 53 -27.69 -1.85 -18.60
N SER A 54 -27.30 -3.03 -18.11
CA SER A 54 -28.28 -4.05 -17.74
C SER A 54 -27.79 -4.85 -16.54
N TYR A 55 -28.73 -5.12 -15.62
CA TYR A 55 -28.49 -6.11 -14.57
C TYR A 55 -27.89 -7.39 -15.15
N GLN A 56 -28.39 -7.79 -16.33
CA GLN A 56 -27.81 -8.92 -17.08
C GLN A 56 -26.39 -8.65 -17.46
N GLU A 57 -26.10 -7.43 -17.89
CA GLU A 57 -24.76 -6.99 -18.20
C GLU A 57 -23.94 -6.71 -16.95
N ALA A 58 -24.59 -6.51 -15.81
CA ALA A 58 -23.85 -6.27 -14.57
C ALA A 58 -23.15 -7.55 -14.13
N CYS A 59 -23.90 -8.63 -13.97
CA CYS A 59 -23.32 -9.92 -13.61
C CYS A 59 -22.27 -10.35 -14.63
N SER A 60 -22.32 -9.77 -15.84
CA SER A 60 -21.34 -10.03 -16.88
C SER A 60 -19.91 -9.95 -16.36
N ILE A 61 -19.62 -9.05 -15.45
CA ILE A 61 -18.25 -8.63 -15.16
C ILE A 61 -17.71 -9.40 -13.95
N PRO A 62 -16.49 -9.92 -14.02
CA PRO A 62 -15.90 -10.54 -12.82
C PRO A 62 -15.75 -9.50 -11.73
N GLY A 63 -16.17 -9.87 -10.52
CA GLY A 63 -16.21 -8.95 -9.42
C GLY A 63 -17.56 -8.33 -9.17
N ILE A 64 -18.53 -8.56 -10.04
CA ILE A 64 -19.88 -8.04 -9.90
C ILE A 64 -20.84 -9.21 -9.76
N GLY A 65 -21.47 -9.32 -8.59
CA GLY A 65 -22.49 -10.32 -8.34
C GLY A 65 -23.89 -9.74 -8.35
N LYS A 66 -24.84 -10.56 -7.91
CA LYS A 66 -26.24 -10.15 -7.93
C LYS A 66 -26.43 -8.88 -7.11
N ARG A 67 -25.91 -8.88 -5.88
CA ARG A 67 -26.11 -7.72 -5.00
C ARG A 67 -25.55 -6.45 -5.62
N MET A 68 -24.34 -6.52 -6.18
N MET A 68 -24.35 -6.52 -6.18
CA MET A 68 -23.73 -5.33 -6.77
CA MET A 68 -23.77 -5.31 -6.76
C MET A 68 -24.48 -4.90 -8.03
C MET A 68 -24.52 -4.90 -8.02
N ALA A 69 -24.91 -5.86 -8.84
CA ALA A 69 -25.71 -5.53 -10.03
C ALA A 69 -27.00 -4.83 -9.65
N GLU A 70 -27.63 -5.26 -8.55
CA GLU A 70 -28.85 -4.57 -8.10
C GLU A 70 -28.55 -3.12 -7.76
N LYS A 71 -27.47 -2.89 -7.01
CA LYS A 71 -27.11 -1.53 -6.65
C LYS A 71 -26.87 -0.67 -7.88
N ILE A 72 -26.20 -1.24 -8.88
CA ILE A 72 -25.86 -0.45 -10.06
C ILE A 72 -27.12 -0.04 -10.82
N ILE A 73 -28.18 -0.86 -10.78
CA ILE A 73 -29.37 -0.53 -11.54
C ILE A 73 -30.22 0.50 -10.79
N GLU A 74 -30.29 0.40 -9.47
CA GLU A 74 -30.90 1.46 -8.68
C GLU A 74 -30.25 2.80 -9.03
N ILE A 75 -28.94 2.79 -9.27
CA ILE A 75 -28.23 3.99 -9.66
C ILE A 75 -28.68 4.45 -11.04
N LEU A 76 -28.61 3.56 -12.04
CA LEU A 76 -28.99 3.94 -13.39
C LEU A 76 -30.48 4.29 -13.47
N GLU A 77 -31.34 3.53 -12.80
CA GLU A 77 -32.77 3.80 -12.83
C GLU A 77 -33.10 5.14 -12.17
N SER A 78 -32.57 5.37 -10.96
CA SER A 78 -32.96 6.50 -10.12
C SER A 78 -31.87 7.53 -9.94
N GLY A 79 -30.66 7.28 -10.45
CA GLY A 79 -29.57 8.21 -10.21
C GLY A 79 -29.14 8.29 -8.76
N HIS A 80 -29.50 7.30 -7.94
CA HIS A 80 -29.20 7.37 -6.51
C HIS A 80 -29.15 5.97 -5.93
N LEU A 81 -28.49 5.86 -4.77
CA LEU A 81 -28.48 4.62 -3.98
C LEU A 81 -28.92 4.95 -2.57
N ARG A 82 -30.10 4.48 -2.19
CA ARG A 82 -30.67 4.92 -0.91
C ARG A 82 -29.83 4.46 0.28
N LYS A 83 -29.06 3.37 0.13
CA LYS A 83 -28.20 2.95 1.24
C LYS A 83 -27.28 4.07 1.70
N LEU A 84 -26.90 4.96 0.78
CA LEU A 84 -26.03 6.08 1.16
C LEU A 84 -26.67 6.93 2.24
N ASP A 85 -28.00 6.96 2.31
CA ASP A 85 -28.69 7.80 3.27
C ASP A 85 -28.71 7.20 4.66
N HIS A 86 -28.20 5.98 4.84
CA HIS A 86 -28.24 5.31 6.13
C HIS A 86 -26.84 5.02 6.64
N ILE A 87 -25.84 5.71 6.10
CA ILE A 87 -24.48 5.54 6.59
C ILE A 87 -24.38 6.20 7.95
N SER A 88 -23.72 5.52 8.89
CA SER A 88 -23.62 6.01 10.26
C SER A 88 -22.98 7.38 10.30
N GLU A 89 -23.53 8.25 11.18
CA GLU A 89 -22.96 9.56 11.43
C GLU A 89 -21.54 9.49 11.95
N SER A 90 -21.11 8.33 12.47
CA SER A 90 -19.75 8.18 12.98
C SER A 90 -18.71 8.14 11.88
N VAL A 91 -19.10 7.86 10.64
CA VAL A 91 -18.12 7.49 9.61
C VAL A 91 -17.16 8.62 9.33
N PRO A 92 -17.59 9.88 9.18
CA PRO A 92 -16.62 10.97 8.92
C PRO A 92 -15.60 11.14 10.02
N VAL A 93 -16.03 10.92 11.27
CA VAL A 93 -15.09 10.99 12.39
C VAL A 93 -14.13 9.80 12.38
N LEU A 94 -14.64 8.59 12.14
CA LEU A 94 -13.77 7.44 12.06
C LEU A 94 -12.74 7.60 10.95
N GLU A 95 -13.15 8.20 9.82
CA GLU A 95 -12.19 8.50 8.75
C GLU A 95 -11.15 9.53 9.21
N LEU A 96 -11.61 10.60 9.86
CA LEU A 96 -10.68 11.59 10.40
C LEU A 96 -9.62 10.97 11.28
N PHE A 97 -10.06 10.10 12.21
CA PHE A 97 -9.14 9.49 13.17
C PHE A 97 -8.23 8.44 12.52
N SER A 98 -8.75 7.62 11.59
N SER A 98 -8.79 7.63 11.60
CA SER A 98 -7.87 6.59 11.02
CA SER A 98 -8.03 6.60 10.91
C SER A 98 -6.97 7.13 9.93
C SER A 98 -6.94 7.16 10.03
N ASN A 99 -7.07 8.42 9.61
CA ASN A 99 -6.05 9.05 8.78
C ASN A 99 -4.84 9.48 9.61
N ILE A 100 -4.86 9.31 10.94
CA ILE A 100 -3.64 9.43 11.74
C ILE A 100 -2.79 8.19 11.48
N TRP A 101 -1.55 8.39 11.06
CA TRP A 101 -0.64 7.24 10.89
C TRP A 101 -0.43 6.53 12.21
N GLY A 102 -0.66 5.20 12.22
CA GLY A 102 -0.56 4.43 13.43
C GLY A 102 -1.87 4.12 14.11
N ALA A 103 -2.95 4.73 13.63
CA ALA A 103 -4.30 4.54 14.15
C ALA A 103 -5.13 3.92 13.04
N GLY A 104 -5.70 2.73 13.31
CA GLY A 104 -6.57 2.10 12.37
C GLY A 104 -7.99 2.04 12.87
N THR A 105 -8.76 1.10 12.32
CA THR A 105 -10.18 1.03 12.65
CA THR A 105 -10.17 1.03 12.64
C THR A 105 -10.41 0.80 14.13
N LYS A 106 -9.61 -0.08 14.79
CA LYS A 106 -9.90 -0.39 16.17
C LYS A 106 -9.66 0.80 17.09
N THR A 107 -8.57 1.52 16.83
CA THR A 107 -8.25 2.71 17.62
C THR A 107 -9.27 3.82 17.35
N ALA A 108 -9.65 4.01 16.09
CA ALA A 108 -10.65 5.02 15.78
C ALA A 108 -11.97 4.72 16.48
N GLN A 109 -12.42 3.46 16.46
CA GLN A 109 -13.69 3.12 17.09
C GLN A 109 -13.60 3.33 18.60
N MET A 110 -12.46 3.00 19.19
N MET A 110 -12.45 2.99 19.18
CA MET A 110 -12.31 3.19 20.64
CA MET A 110 -12.25 3.18 20.61
C MET A 110 -12.35 4.66 21.01
C MET A 110 -12.38 4.66 20.97
N TRP A 111 -11.67 5.51 20.24
CA TRP A 111 -11.71 6.95 20.49
C TRP A 111 -13.14 7.48 20.33
N TYR A 112 -13.85 7.01 19.29
CA TYR A 112 -15.25 7.43 19.11
C TYR A 112 -16.13 7.01 20.28
N GLN A 113 -15.99 5.76 20.74
CA GLN A 113 -16.83 5.34 21.87
CA GLN A 113 -16.76 5.28 21.89
C GLN A 113 -16.50 6.15 23.11
N GLN A 114 -15.25 6.58 23.26
CA GLN A 114 -14.83 7.35 24.44
C GLN A 114 -15.23 8.81 24.34
N GLY A 115 -15.89 9.22 23.25
CA GLY A 115 -16.49 10.54 23.13
C GLY A 115 -15.72 11.53 22.26
N PHE A 116 -14.60 11.12 21.69
CA PHE A 116 -13.81 12.03 20.88
C PHE A 116 -14.43 12.20 19.53
N ARG A 117 -14.40 13.45 19.03
CA ARG A 117 -15.03 13.78 17.76
C ARG A 117 -14.14 14.61 16.85
N SER A 118 -13.03 15.16 17.35
CA SER A 118 -12.20 16.05 16.55
C SER A 118 -10.75 15.76 16.84
N LEU A 119 -9.84 16.25 15.99
CA LEU A 119 -8.43 16.11 16.31
C LEU A 119 -8.05 16.94 17.53
N GLU A 120 -8.77 18.05 17.81
CA GLU A 120 -8.52 18.77 19.04
C GLU A 120 -8.80 17.86 20.24
N ASP A 121 -9.89 17.08 20.18
CA ASP A 121 -10.16 16.12 21.25
C ASP A 121 -9.00 15.11 21.38
N ILE A 122 -8.51 14.60 20.26
CA ILE A 122 -7.39 13.64 20.30
C ILE A 122 -6.16 14.30 20.90
N ARG A 123 -5.80 15.50 20.41
CA ARG A 123 -4.63 16.21 20.88
C ARG A 123 -4.68 16.42 22.39
N SER A 124 -5.82 16.87 22.88
CA SER A 124 -5.93 17.30 24.27
C SER A 124 -6.26 16.17 25.24
N GLN A 125 -6.83 15.07 24.77
CA GLN A 125 -7.37 14.08 25.72
C GLN A 125 -7.02 12.63 25.43
N ALA A 126 -6.62 12.28 24.21
CA ALA A 126 -6.43 10.86 23.89
C ALA A 126 -5.05 10.40 24.28
N SER A 127 -4.97 9.12 24.64
N SER A 127 -4.89 9.09 24.51
CA SER A 127 -3.69 8.46 24.79
CA SER A 127 -3.59 8.52 24.88
C SER A 127 -3.19 8.17 23.38
C SER A 127 -2.95 7.90 23.63
N LEU A 128 -1.96 8.59 23.07
CA LEU A 128 -1.39 8.31 21.76
C LEU A 128 -0.13 7.46 21.88
N THR A 129 0.00 6.46 21.00
CA THR A 129 1.30 5.80 20.92
C THR A 129 2.35 6.78 20.38
N THR A 130 3.61 6.41 20.55
CA THR A 130 4.70 7.17 19.93
C THR A 130 4.47 7.39 18.45
N GLN A 131 4.12 6.32 17.71
CA GLN A 131 3.84 6.45 16.29
C GLN A 131 2.70 7.43 16.00
N GLN A 132 1.62 7.30 16.75
CA GLN A 132 0.43 8.11 16.49
C GLN A 132 0.67 9.60 16.78
N ALA A 133 1.48 9.91 17.78
CA ALA A 133 1.82 11.32 18.03
C ALA A 133 2.56 11.94 16.85
N ILE A 134 3.48 11.19 16.24
CA ILE A 134 4.15 11.62 15.01
C ILE A 134 3.14 11.77 13.86
N GLY A 135 2.25 10.77 13.69
CA GLY A 135 1.22 10.89 12.69
C GLY A 135 0.37 12.15 12.87
N LEU A 136 0.02 12.45 14.11
CA LEU A 136 -0.87 13.60 14.33
C LEU A 136 -0.13 14.89 14.03
N LYS A 137 1.13 14.99 14.45
CA LYS A 137 1.92 16.20 14.18
C LYS A 137 2.08 16.47 12.69
N HIS A 138 2.08 15.41 11.86
CA HIS A 138 2.20 15.54 10.42
C HIS A 138 0.90 15.23 9.70
N TYR A 139 -0.25 15.48 10.36
CA TYR A 139 -1.53 15.01 9.84
C TYR A 139 -1.76 15.52 8.41
N SER A 140 -1.68 16.83 8.20
CA SER A 140 -1.90 17.36 6.88
C SER A 140 -0.85 16.91 5.88
N ASP A 141 0.42 16.95 6.24
CA ASP A 141 1.48 16.63 5.29
C ASP A 141 1.33 15.20 4.76
N PHE A 142 0.95 14.27 5.63
CA PHE A 142 0.92 12.87 5.24
C PHE A 142 -0.27 12.57 4.33
N LEU A 143 -1.25 13.43 4.29
CA LEU A 143 -2.35 13.30 3.33
C LEU A 143 -2.04 13.91 1.97
N GLU A 144 -0.91 14.65 1.81
CA GLU A 144 -0.53 15.29 0.56
C GLU A 144 0.38 14.38 -0.23
N ARG A 145 0.18 14.34 -1.54
CA ARG A 145 1.13 13.64 -2.40
C ARG A 145 2.17 14.65 -2.88
N MET A 146 3.33 14.18 -3.17
CA MET A 146 4.42 15.02 -3.65
C MET A 146 4.64 14.87 -5.15
N PRO A 147 5.12 15.91 -5.86
CA PRO A 147 5.49 15.73 -7.27
C PRO A 147 6.58 14.68 -7.40
N ARG A 148 6.54 13.93 -8.50
CA ARG A 148 7.52 12.85 -8.62
C ARG A 148 8.94 13.41 -8.69
N GLU A 149 9.09 14.65 -9.13
CA GLU A 149 10.41 15.31 -9.12
C GLU A 149 10.99 15.36 -7.70
N GLU A 150 10.12 15.56 -6.69
CA GLU A 150 10.58 15.60 -5.31
C GLU A 150 10.94 14.20 -4.83
N ALA A 151 10.17 13.21 -5.22
CA ALA A 151 10.53 11.82 -4.91
C ALA A 151 11.92 11.51 -5.47
N THR A 152 12.23 12.01 -6.68
CA THR A 152 13.58 11.82 -7.21
C THR A 152 14.62 12.41 -6.27
N GLU A 153 14.37 13.62 -5.75
CA GLU A 153 15.34 14.26 -4.86
C GLU A 153 15.55 13.45 -3.58
N ILE A 154 14.47 12.88 -3.04
CA ILE A 154 14.57 12.06 -1.83
C ILE A 154 15.33 10.77 -2.13
N GLU A 155 15.02 10.11 -3.25
CA GLU A 155 15.75 8.90 -3.63
C GLU A 155 17.24 9.20 -3.73
N GLN A 156 17.59 10.31 -4.39
CA GLN A 156 19.00 10.67 -4.57
C GLN A 156 19.68 11.01 -3.24
N THR A 157 18.95 11.62 -2.30
CA THR A 157 19.50 11.87 -0.96
C THR A 157 19.88 10.56 -0.26
N VAL A 158 18.97 9.58 -0.27
CA VAL A 158 19.28 8.30 0.36
C VAL A 158 20.44 7.61 -0.36
N GLN A 159 20.42 7.65 -1.69
CA GLN A 159 21.48 6.96 -2.44
C GLN A 159 22.85 7.55 -2.14
N LYS A 160 22.95 8.88 -2.12
CA LYS A 160 24.23 9.51 -1.82
C LYS A 160 24.72 9.16 -0.42
N ALA A 161 23.82 9.14 0.57
CA ALA A 161 24.23 8.77 1.92
C ALA A 161 24.69 7.31 1.95
N ALA A 162 24.00 6.44 1.21
CA ALA A 162 24.37 5.02 1.17
C ALA A 162 25.68 4.80 0.42
N GLN A 163 25.82 5.40 -0.76
CA GLN A 163 27.05 5.24 -1.53
C GLN A 163 28.26 5.78 -0.78
N ALA A 164 28.07 6.72 0.14
CA ALA A 164 29.21 7.24 0.89
C ALA A 164 29.88 6.14 1.71
N PHE A 165 29.12 5.12 2.10
CA PHE A 165 29.64 4.00 2.87
C PHE A 165 30.20 2.91 1.97
N ASN A 166 29.44 2.54 0.95
CA ASN A 166 29.87 1.47 0.04
C ASN A 166 29.35 1.88 -1.34
N SER A 167 30.30 2.24 -2.20
CA SER A 167 30.02 2.57 -3.60
C SER A 167 29.19 1.50 -4.27
N GLY A 168 29.29 0.26 -3.82
CA GLY A 168 28.59 -0.84 -4.45
C GLY A 168 27.11 -0.93 -4.13
N LEU A 169 26.64 -0.15 -3.16
CA LEU A 169 25.26 -0.26 -2.73
C LEU A 169 24.33 0.26 -3.81
N LEU A 170 23.31 -0.54 -4.12
CA LEU A 170 22.31 -0.23 -5.14
C LEU A 170 21.04 0.24 -4.45
N CYS A 171 20.54 1.42 -4.84
CA CYS A 171 19.35 2.02 -4.25
C CYS A 171 18.36 2.39 -5.34
N VAL A 172 17.12 1.96 -5.20
CA VAL A 172 16.10 2.22 -6.21
C VAL A 172 14.78 2.58 -5.54
N ALA A 173 14.14 3.65 -6.03
CA ALA A 173 12.81 4.03 -5.56
C ALA A 173 11.76 3.19 -6.29
N CYS A 174 10.91 2.54 -5.52
CA CYS A 174 9.92 1.61 -6.02
C CYS A 174 8.56 2.27 -5.88
N GLY A 175 7.55 1.51 -5.44
CA GLY A 175 6.20 2.01 -5.28
C GLY A 175 5.70 2.80 -6.50
N SER A 176 4.84 3.78 -6.21
CA SER A 176 4.25 4.61 -7.26
C SER A 176 5.29 5.28 -8.12
N TYR A 177 6.46 5.60 -7.56
CA TYR A 177 7.50 6.25 -8.35
C TYR A 177 7.90 5.37 -9.52
N ARG A 178 8.25 4.11 -9.23
CA ARG A 178 8.71 3.21 -10.28
C ARG A 178 7.58 2.87 -11.24
N ARG A 179 6.33 2.91 -10.77
CA ARG A 179 5.23 2.70 -11.70
C ARG A 179 4.94 3.91 -12.57
N GLY A 180 5.69 5.00 -12.40
CA GLY A 180 5.64 6.13 -13.32
C GLY A 180 4.61 7.21 -12.99
N LYS A 181 4.03 7.21 -11.80
CA LYS A 181 2.96 8.13 -11.43
C LYS A 181 3.52 9.54 -11.31
N ALA A 182 2.67 10.52 -11.64
CA ALA A 182 3.10 11.91 -11.61
C ALA A 182 3.28 12.44 -10.19
N THR A 183 2.56 11.86 -9.25
CA THR A 183 2.66 12.19 -7.83
C THR A 183 2.81 10.91 -7.04
N CYS A 184 3.42 11.06 -5.85
CA CYS A 184 3.74 9.93 -4.98
C CYS A 184 3.33 10.22 -3.55
N GLY A 185 2.69 9.23 -2.91
CA GLY A 185 2.30 9.36 -1.52
C GLY A 185 3.49 9.42 -0.59
N ASP A 186 4.51 8.63 -0.87
CA ASP A 186 5.74 8.56 -0.09
C ASP A 186 6.85 8.14 -1.05
N VAL A 187 8.05 7.91 -0.53
CA VAL A 187 9.13 7.35 -1.33
C VAL A 187 9.49 6.01 -0.69
N ASP A 188 9.52 4.96 -1.52
CA ASP A 188 9.87 3.60 -1.12
C ASP A 188 11.22 3.21 -1.73
N VAL A 189 12.28 3.18 -0.92
CA VAL A 189 13.64 2.93 -1.42
C VAL A 189 14.10 1.53 -1.04
N LEU A 190 14.51 0.75 -2.04
CA LEU A 190 15.07 -0.60 -1.86
C LEU A 190 16.57 -0.53 -1.98
N ILE A 191 17.27 -1.16 -1.05
CA ILE A 191 18.74 -1.14 -1.01
C ILE A 191 19.25 -2.56 -0.95
N THR A 192 20.29 -2.84 -1.73
CA THR A 192 20.95 -4.14 -1.71
C THR A 192 22.42 -3.96 -2.08
N HIS A 193 23.16 -5.08 -2.16
CA HIS A 193 24.55 -5.03 -2.64
C HIS A 193 24.81 -6.28 -3.47
N PRO A 194 25.33 -6.13 -4.69
N PRO A 194 25.33 -6.13 -4.69
CA PRO A 194 25.50 -7.32 -5.55
CA PRO A 194 25.50 -7.31 -5.56
C PRO A 194 26.44 -8.37 -4.98
C PRO A 194 26.49 -8.34 -5.04
N ASP A 195 27.26 -8.02 -3.99
CA ASP A 195 28.19 -9.00 -3.43
C ASP A 195 27.53 -9.96 -2.46
N GLY A 196 26.24 -9.77 -2.20
CA GLY A 196 25.49 -10.68 -1.37
C GLY A 196 25.77 -10.61 0.11
N ARG A 197 26.60 -9.66 0.56
CA ARG A 197 27.05 -9.65 1.95
C ARG A 197 27.02 -8.26 2.57
N SER A 198 27.46 -7.27 1.80
CA SER A 198 27.71 -5.94 2.35
C SER A 198 26.43 -5.12 2.61
N HIS A 199 25.25 -5.66 2.34
CA HIS A 199 24.03 -5.00 2.81
C HIS A 199 23.89 -5.12 4.33
N ARG A 200 24.68 -5.98 4.97
CA ARG A 200 24.44 -6.32 6.37
C ARG A 200 24.85 -5.18 7.30
N GLY A 201 23.99 -4.89 8.28
CA GLY A 201 24.31 -3.94 9.33
C GLY A 201 24.50 -2.50 8.89
N ILE A 202 23.97 -2.12 7.72
CA ILE A 202 24.19 -0.76 7.24
C ILE A 202 23.22 0.26 7.84
N PHE A 203 22.08 -0.19 8.39
CA PHE A 203 21.04 0.74 8.83
C PHE A 203 21.58 1.69 9.90
N SER A 204 22.28 1.13 10.89
CA SER A 204 23.04 1.88 11.86
C SER A 204 23.57 3.15 11.26
N ARG A 205 24.51 2.98 10.33
CA ARG A 205 25.30 4.08 9.82
C ARG A 205 24.48 4.93 8.86
N LEU A 206 23.62 4.30 8.05
CA LEU A 206 22.88 5.04 7.05
C LEU A 206 21.87 5.99 7.70
N LEU A 207 21.07 5.48 8.64
CA LEU A 207 20.10 6.34 9.30
C LEU A 207 20.79 7.45 10.08
N ASP A 208 21.89 7.14 10.75
CA ASP A 208 22.59 8.21 11.46
C ASP A 208 23.14 9.25 10.49
N SER A 209 23.61 8.80 9.32
CA SER A 209 24.06 9.78 8.34
C SER A 209 22.91 10.69 7.89
N LEU A 210 21.74 10.11 7.65
CA LEU A 210 20.60 10.90 7.19
C LEU A 210 20.05 11.80 8.30
N ARG A 211 20.17 11.36 9.55
CA ARG A 211 19.71 12.11 10.69
C ARG A 211 20.64 13.29 10.99
N GLN A 212 21.94 13.02 11.03
CA GLN A 212 22.91 14.10 11.24
C GLN A 212 22.75 15.21 10.22
N GLU A 213 22.19 14.90 9.05
CA GLU A 213 21.89 15.90 8.05
C GLU A 213 20.79 16.86 8.48
N GLY A 214 19.85 16.39 9.30
CA GLY A 214 18.57 17.05 9.47
C GLY A 214 17.50 16.56 8.51
N PHE A 215 17.88 15.72 7.54
CA PHE A 215 16.93 15.18 6.56
C PHE A 215 15.91 14.27 7.21
N LEU A 216 16.36 13.35 8.05
CA LEU A 216 15.47 12.41 8.73
C LEU A 216 14.94 13.09 9.99
N THR A 217 13.63 13.29 10.08
CA THR A 217 13.07 14.09 11.16
C THR A 217 12.38 13.25 12.24
N ASP A 218 11.84 12.09 11.89
N ASP A 218 11.91 12.04 11.92
CA ASP A 218 11.16 11.21 12.84
CA ASP A 218 11.20 11.22 12.89
C ASP A 218 11.32 9.77 12.36
C ASP A 218 11.15 9.78 12.38
N ASP A 219 11.28 8.84 13.31
CA ASP A 219 11.30 7.41 13.02
C ASP A 219 9.99 6.79 13.52
N LEU A 220 9.31 6.03 12.66
CA LEU A 220 8.09 5.31 12.99
C LEU A 220 8.31 3.83 13.26
N VAL A 221 9.13 3.16 12.44
CA VAL A 221 9.49 1.75 12.56
C VAL A 221 10.98 1.64 12.25
N LYS A 222 11.74 0.95 13.10
CA LYS A 222 13.19 0.76 12.91
C LYS A 222 13.49 -0.72 13.11
N GLY A 223 13.29 -1.52 12.07
CA GLY A 223 13.54 -2.95 12.11
C GLY A 223 14.89 -3.31 11.51
N GLU A 224 15.19 -4.62 11.57
CA GLU A 224 16.46 -5.09 11.04
C GLU A 224 16.50 -4.95 9.53
N THR A 225 15.34 -5.06 8.87
CA THR A 225 15.27 -4.99 7.43
C THR A 225 14.41 -3.83 6.91
N LYS A 226 13.46 -3.32 7.71
CA LYS A 226 12.54 -2.28 7.29
C LYS A 226 12.73 -1.03 8.14
N TYR A 227 12.73 0.13 7.49
CA TYR A 227 12.63 1.42 8.16
C TYR A 227 11.42 2.15 7.60
N LEU A 228 10.62 2.76 8.48
N LEU A 228 10.62 2.75 8.48
CA LEU A 228 9.55 3.65 8.06
CA LEU A 228 9.55 3.66 8.09
C LEU A 228 9.67 4.93 8.88
C LEU A 228 9.75 4.94 8.88
N GLY A 229 9.74 6.05 8.20
CA GLY A 229 9.95 7.31 8.89
C GLY A 229 9.53 8.50 8.09
N VAL A 230 10.15 9.62 8.42
CA VAL A 230 9.75 10.94 7.99
C VAL A 230 10.99 11.72 7.63
N CYS A 231 10.95 12.40 6.49
CA CYS A 231 12.07 13.21 6.06
C CYS A 231 11.57 14.57 5.55
N ARG A 232 12.52 15.47 5.35
CA ARG A 232 12.21 16.78 4.77
C ARG A 232 13.45 17.30 4.06
N LEU A 233 13.29 17.67 2.79
CA LEU A 233 14.42 18.27 2.09
C LEU A 233 14.71 19.66 2.63
N PRO A 234 15.92 20.17 2.42
CA PRO A 234 16.27 21.48 2.98
C PRO A 234 15.70 22.63 2.16
N GLY A 235 15.65 23.80 2.80
CA GLY A 235 15.25 25.02 2.13
C GLY A 235 13.81 25.37 2.43
N PRO A 236 13.34 26.51 1.91
CA PRO A 236 11.96 26.92 2.16
C PRO A 236 10.99 26.15 1.30
N GLY A 237 9.73 26.21 1.70
CA GLY A 237 8.66 25.63 0.93
C GLY A 237 8.61 24.12 0.92
N ARG A 238 9.21 23.48 1.91
CA ARG A 238 9.26 22.02 1.94
C ARG A 238 8.32 21.46 3.00
N ARG A 239 7.69 20.33 2.67
CA ARG A 239 6.82 19.58 3.54
C ARG A 239 7.55 18.36 4.05
N HIS A 240 7.09 17.85 5.19
CA HIS A 240 7.56 16.55 5.66
C HIS A 240 6.95 15.47 4.79
N ARG A 241 7.78 14.49 4.39
CA ARG A 241 7.37 13.38 3.56
C ARG A 241 7.66 12.05 4.22
N ARG A 242 6.78 11.08 3.97
CA ARG A 242 7.01 9.72 4.42
C ARG A 242 8.10 9.07 3.56
N LEU A 243 8.96 8.33 4.21
CA LEU A 243 10.07 7.61 3.60
C LEU A 243 10.10 6.20 4.17
N ASP A 244 10.09 5.19 3.29
CA ASP A 244 10.25 3.78 3.64
C ASP A 244 11.53 3.28 3.02
N ILE A 245 12.33 2.52 3.77
CA ILE A 245 13.54 1.92 3.23
C ILE A 245 13.52 0.44 3.60
N ILE A 246 13.88 -0.40 2.64
CA ILE A 246 14.09 -1.82 2.91
C ILE A 246 15.47 -2.20 2.40
N VAL A 247 16.18 -3.00 3.20
CA VAL A 247 17.51 -3.52 2.87
C VAL A 247 17.37 -5.03 2.72
N VAL A 248 17.75 -5.55 1.56
CA VAL A 248 17.58 -6.98 1.28
C VAL A 248 18.85 -7.60 0.72
N PRO A 249 19.04 -8.90 0.92
CA PRO A 249 20.17 -9.59 0.26
C PRO A 249 19.96 -9.69 -1.24
N TYR A 250 21.07 -9.72 -1.97
CA TYR A 250 20.98 -9.67 -3.42
C TYR A 250 20.18 -10.85 -3.99
N SER A 251 20.22 -12.01 -3.34
CA SER A 251 19.47 -13.16 -3.85
C SER A 251 17.97 -12.93 -3.87
N GLU A 252 17.47 -11.98 -3.09
CA GLU A 252 16.04 -11.71 -3.01
C GLU A 252 15.66 -10.46 -3.79
N PHE A 253 16.59 -9.87 -4.55
CA PHE A 253 16.36 -8.56 -5.15
C PHE A 253 15.13 -8.56 -6.06
N ALA A 254 15.04 -9.54 -6.96
CA ALA A 254 13.92 -9.55 -7.90
C ALA A 254 12.59 -9.60 -7.16
N CYS A 255 12.44 -10.52 -6.21
CA CYS A 255 11.15 -10.59 -5.49
C CYS A 255 10.91 -9.37 -4.61
N ALA A 256 11.96 -8.77 -4.05
CA ALA A 256 11.81 -7.56 -3.25
C ALA A 256 11.41 -6.37 -4.13
N LEU A 257 12.01 -6.27 -5.31
CA LEU A 257 11.66 -5.24 -6.27
C LEU A 257 10.22 -5.41 -6.72
N LEU A 258 9.82 -6.64 -7.05
CA LEU A 258 8.44 -6.85 -7.47
C LEU A 258 7.49 -6.46 -6.35
N TYR A 259 7.74 -6.95 -5.14
CA TYR A 259 6.87 -6.57 -4.03
C TYR A 259 6.79 -5.05 -3.85
N PHE A 260 7.91 -4.41 -3.71
CA PHE A 260 7.95 -3.00 -3.39
C PHE A 260 7.47 -2.05 -4.49
N THR A 261 7.48 -2.51 -5.73
CA THR A 261 6.92 -1.75 -6.85
C THR A 261 5.39 -1.85 -6.91
N GLY A 262 4.83 -2.98 -6.48
CA GLY A 262 3.37 -3.05 -6.41
C GLY A 262 2.75 -2.96 -7.82
N SER A 263 1.52 -2.46 -7.90
CA SER A 263 0.70 -1.95 -6.80
C SER A 263 0.28 -3.02 -5.78
N ALA A 264 -0.36 -2.60 -4.68
CA ALA A 264 -0.83 -3.57 -3.68
C ALA A 264 -1.80 -4.57 -4.29
N HIS A 265 -2.79 -4.07 -5.03
CA HIS A 265 -3.76 -4.97 -5.66
C HIS A 265 -3.07 -5.88 -6.68
N PHE A 266 -2.08 -5.35 -7.40
CA PHE A 266 -1.29 -6.20 -8.30
C PHE A 266 -0.62 -7.34 -7.55
N ASN A 267 0.03 -7.01 -6.43
CA ASN A 267 0.71 -8.03 -5.64
C ASN A 267 -0.27 -9.10 -5.14
N ARG A 268 -1.41 -8.67 -4.62
CA ARG A 268 -2.38 -9.60 -4.09
C ARG A 268 -2.88 -10.53 -5.18
N SER A 269 -3.14 -9.98 -6.38
CA SER A 269 -3.60 -10.80 -7.49
C SER A 269 -2.56 -11.82 -7.91
N MET A 270 -1.29 -11.40 -7.98
N MET A 270 -1.29 -11.39 -8.02
CA MET A 270 -0.22 -12.32 -8.37
CA MET A 270 -0.22 -12.33 -8.36
C MET A 270 0.04 -13.38 -7.31
C MET A 270 -0.10 -13.42 -7.30
N ARG A 271 -0.01 -13.02 -6.03
CA ARG A 271 0.17 -14.01 -4.97
C ARG A 271 -0.99 -15.00 -4.95
N ALA A 272 -2.21 -14.51 -5.19
CA ALA A 272 -3.34 -15.44 -5.32
C ALA A 272 -3.13 -16.39 -6.49
N LEU A 273 -2.63 -15.89 -7.61
CA LEU A 273 -2.37 -16.77 -8.75
C LEU A 273 -1.39 -17.87 -8.36
N ALA A 274 -0.29 -17.47 -7.71
CA ALA A 274 0.73 -18.44 -7.31
C ALA A 274 0.13 -19.53 -6.44
N LYS A 275 -0.75 -19.16 -5.51
CA LYS A 275 -1.34 -20.15 -4.60
C LYS A 275 -2.16 -21.18 -5.36
N THR A 276 -2.92 -20.75 -6.39
CA THR A 276 -3.67 -21.72 -7.16
C THR A 276 -2.76 -22.76 -7.79
N LYS A 277 -1.51 -22.39 -8.08
CA LYS A 277 -0.54 -23.25 -8.74
C LYS A 277 0.32 -24.02 -7.76
N GLY A 278 -0.07 -24.07 -6.48
CA GLY A 278 0.76 -24.72 -5.49
C GLY A 278 2.10 -24.04 -5.29
N MET A 279 2.16 -22.74 -5.47
N MET A 279 2.14 -22.73 -5.43
CA MET A 279 3.37 -21.96 -5.23
CA MET A 279 3.36 -21.95 -5.22
C MET A 279 3.08 -20.94 -4.14
C MET A 279 3.07 -20.88 -4.19
N SER A 280 4.11 -20.16 -3.78
CA SER A 280 3.93 -19.06 -2.85
C SER A 280 4.86 -17.95 -3.25
N LEU A 281 4.33 -16.73 -3.30
CA LEU A 281 5.10 -15.56 -3.63
C LEU A 281 5.14 -14.57 -2.46
N SER A 282 6.35 -14.18 -2.07
CA SER A 282 6.55 -13.15 -1.08
C SER A 282 7.64 -12.20 -1.53
N GLU A 283 7.93 -11.19 -0.71
N GLU A 283 7.89 -11.21 -0.68
CA GLU A 283 9.05 -10.31 -1.04
CA GLU A 283 8.99 -10.27 -0.85
C GLU A 283 10.39 -11.01 -0.92
C GLU A 283 10.36 -10.94 -0.79
N HIS A 284 10.44 -12.18 -0.27
CA HIS A 284 11.68 -12.93 -0.15
C HIS A 284 11.93 -13.87 -1.34
N ALA A 285 10.88 -14.48 -1.88
CA ALA A 285 11.08 -15.59 -2.81
C ALA A 285 9.78 -16.01 -3.46
N LEU A 286 9.94 -16.65 -4.63
CA LEU A 286 8.90 -17.49 -5.23
C LEU A 286 9.26 -18.94 -4.92
N SER A 287 8.34 -19.65 -4.27
CA SER A 287 8.53 -21.04 -3.88
C SER A 287 7.49 -21.92 -4.54
N THR A 288 7.86 -23.19 -4.73
CA THR A 288 7.04 -24.16 -5.43
C THR A 288 6.93 -25.41 -4.55
N ALA A 289 5.96 -26.25 -4.85
CA ALA A 289 5.72 -27.45 -4.05
C ALA A 289 5.32 -27.10 -2.62
N VAL A 290 4.59 -25.99 -2.45
CA VAL A 290 4.21 -25.54 -1.12
C VAL A 290 3.00 -26.35 -0.67
N VAL A 291 3.06 -26.85 0.57
CA VAL A 291 2.01 -27.65 1.15
C VAL A 291 1.11 -26.75 1.98
N ARG A 292 -0.19 -26.79 1.69
CA ARG A 292 -1.17 -26.06 2.48
C ARG A 292 -2.28 -27.00 2.92
N ASN A 293 -3.04 -26.54 3.93
CA ASN A 293 -4.15 -27.30 4.47
C ASN A 293 -5.45 -26.89 3.76
N THR A 294 -6.59 -27.40 4.24
CA THR A 294 -7.88 -27.11 3.63
C THR A 294 -8.27 -25.64 3.73
N HIS A 295 -7.59 -24.86 4.57
CA HIS A 295 -7.90 -23.45 4.76
C HIS A 295 -6.94 -22.52 4.02
N GLY A 296 -6.17 -23.05 3.07
CA GLY A 296 -5.21 -22.25 2.35
C GLY A 296 -3.98 -21.85 3.13
N ALA A 297 -3.83 -22.36 4.35
CA ALA A 297 -2.69 -22.00 5.20
C ALA A 297 -1.49 -22.90 4.89
N LYS A 298 -0.31 -22.30 4.86
CA LYS A 298 0.90 -23.04 4.55
C LYS A 298 1.32 -23.92 5.73
N VAL A 299 1.50 -25.21 5.48
CA VAL A 299 2.04 -26.11 6.49
C VAL A 299 3.34 -26.79 6.04
N GLY A 300 3.67 -26.77 4.75
CA GLY A 300 4.97 -27.18 4.28
C GLY A 300 5.61 -26.10 3.42
N PRO A 301 6.93 -25.87 3.58
CA PRO A 301 7.53 -24.65 3.02
C PRO A 301 7.80 -24.69 1.52
N GLY A 302 8.03 -25.87 0.96
CA GLY A 302 8.37 -25.95 -0.44
C GLY A 302 9.81 -25.53 -0.70
N ARG A 303 10.11 -25.34 -1.98
CA ARG A 303 11.46 -25.04 -2.44
C ARG A 303 11.50 -23.68 -3.09
N VAL A 304 12.51 -22.88 -2.72
CA VAL A 304 12.70 -21.59 -3.37
C VAL A 304 13.11 -21.81 -4.81
N LEU A 305 12.44 -21.08 -5.76
CA LEU A 305 12.83 -21.13 -7.16
C LEU A 305 13.80 -20.00 -7.48
N PRO A 306 14.77 -20.22 -8.37
CA PRO A 306 15.69 -19.13 -8.73
C PRO A 306 14.99 -18.06 -9.53
N THR A 307 15.09 -16.82 -9.06
CA THR A 307 14.45 -15.68 -9.72
C THR A 307 15.45 -14.53 -9.80
N PRO A 308 16.41 -14.60 -10.72
N PRO A 308 16.42 -14.61 -10.70
CA PRO A 308 17.40 -13.51 -10.83
CA PRO A 308 17.39 -13.52 -10.85
C PRO A 308 16.80 -12.19 -11.29
C PRO A 308 16.77 -12.19 -11.24
N THR A 309 15.64 -12.20 -11.97
CA THR A 309 15.01 -10.97 -12.43
C THR A 309 13.51 -11.06 -12.25
N GLU A 310 12.86 -9.88 -12.30
CA GLU A 310 11.40 -9.84 -12.26
C GLU A 310 10.79 -10.69 -13.38
N LYS A 311 11.34 -10.63 -14.60
CA LYS A 311 10.80 -11.44 -15.69
C LYS A 311 10.75 -12.92 -15.34
N ASP A 312 11.70 -13.40 -14.53
CA ASP A 312 11.70 -14.82 -14.16
C ASP A 312 10.49 -15.15 -13.31
N VAL A 313 10.05 -14.23 -12.45
CA VAL A 313 8.89 -14.50 -11.61
C VAL A 313 7.65 -14.66 -12.48
N PHE A 314 7.45 -13.72 -13.42
CA PHE A 314 6.35 -13.84 -14.36
C PHE A 314 6.42 -15.16 -15.12
N ARG A 315 7.60 -15.49 -15.66
CA ARG A 315 7.76 -16.70 -16.46
C ARG A 315 7.40 -17.93 -15.67
N LEU A 316 7.87 -18.01 -14.42
CA LEU A 316 7.62 -19.21 -13.64
C LEU A 316 6.15 -19.35 -13.26
N LEU A 317 5.41 -18.24 -13.25
CA LEU A 317 3.97 -18.24 -13.02
C LEU A 317 3.17 -18.38 -14.31
N GLY A 318 3.83 -18.53 -15.45
CA GLY A 318 3.13 -18.65 -16.72
C GLY A 318 2.51 -17.39 -17.23
N LEU A 319 3.01 -16.20 -16.82
CA LEU A 319 2.43 -14.90 -17.15
C LEU A 319 3.32 -14.10 -18.09
N PRO A 320 2.74 -13.33 -19.02
CA PRO A 320 3.56 -12.38 -19.78
C PRO A 320 4.10 -11.31 -18.86
N TYR A 321 5.33 -10.85 -19.16
CA TYR A 321 5.94 -9.82 -18.33
C TYR A 321 5.20 -8.49 -18.48
N ARG A 322 5.11 -7.75 -17.39
CA ARG A 322 4.51 -6.43 -17.38
C ARG A 322 5.52 -5.44 -16.84
N GLU A 323 5.74 -4.35 -17.57
CA GLU A 323 6.57 -3.26 -17.06
C GLU A 323 5.89 -2.64 -15.84
N PRO A 324 6.67 -1.98 -14.97
CA PRO A 324 6.06 -1.38 -13.76
C PRO A 324 4.84 -0.53 -14.05
N ALA A 325 4.80 0.20 -15.19
CA ALA A 325 3.65 1.07 -15.42
C ALA A 325 2.38 0.29 -15.71
N GLU A 326 2.47 -0.96 -16.14
CA GLU A 326 1.24 -1.72 -16.36
C GLU A 326 0.88 -2.60 -15.16
N ARG A 327 1.43 -2.31 -13.98
CA ARG A 327 1.09 -2.96 -12.73
C ARG A 327 0.29 -2.05 -11.82
N ASP A 328 -0.22 -0.95 -12.36
CA ASP A 328 -0.78 0.12 -11.53
C ASP A 328 -2.27 -0.12 -11.34
N TRP A 329 -2.55 -1.25 -10.69
CA TRP A 329 -3.89 -1.76 -10.49
C TRP A 329 -4.50 -1.24 -9.21
NA NA E . -4.01 5.37 10.10
NA NA F . -19.34 -11.35 -12.59
NA NA G . -13.72 14.96 28.02
MN MN H . 5.69 3.30 1.50
MN MN I . 4.65 4.30 -1.77
MN MN J . 5.59 19.88 7.70
PA TTP K . 3.05 2.11 -0.34
O1A TTP K . 2.24 2.06 0.94
O2A TTP K . 4.23 3.06 -0.21
O3A TTP K . 2.04 2.58 -1.52
PB TTP K . 2.32 2.98 -3.08
O1B TTP K . 1.86 1.91 -4.05
O2B TTP K . 3.78 3.26 -3.33
O3B TTP K . 1.45 4.29 -3.37
PG TTP K . 1.83 5.74 -2.80
O1G TTP K . 1.98 6.67 -3.97
O2G TTP K . 3.08 5.76 -1.94
O3G TTP K . 0.64 6.15 -1.96
O5' TTP K . 3.40 0.58 -0.66
C5' TTP K . 4.55 0.22 -1.44
C4' TTP K . 4.31 -1.09 -2.16
O4' TTP K . 4.30 -2.13 -1.12
C3' TTP K . 2.99 -1.24 -2.89
O3' TTP K . 3.04 -0.66 -4.22
C2' TTP K . 2.98 -2.74 -3.00
C1' TTP K . 3.44 -3.15 -1.58
N1 TTP K . 2.24 -3.28 -0.71
C2 TTP K . 1.71 -4.54 -0.59
O2 TTP K . 2.22 -5.53 -1.13
N3 TTP K . 0.60 -4.64 0.21
C4 TTP K . -0.05 -3.57 0.83
O4 TTP K . -1.06 -3.74 1.48
C5 TTP K . 0.56 -2.28 0.64
C5M TTP K . -0.04 -1.04 1.27
C6 TTP K . 1.66 -2.18 -0.13
O11 PPV L . 2.09 1.93 -4.65
P1 PPV L . 2.47 2.85 -3.54
O21 PPV L . 3.92 3.19 -3.53
O31 PPV L . 2.04 2.22 -2.22
OPP PPV L . 1.62 4.20 -3.68
P2 PPV L . 1.70 5.54 -2.76
O12 PPV L . 2.21 6.57 -3.78
O22 PPV L . 2.57 5.23 -1.53
O32 PPV L . 0.24 5.74 -2.39
C1 EDO M . -1.78 9.14 6.22
O1 EDO M . -1.73 8.70 7.56
C2 EDO M . -0.83 8.27 5.38
C1 EDO N . -22.40 12.51 16.89
O1 EDO N . -22.46 13.06 15.59
C2 EDO N . -21.75 13.50 17.85
O2 EDO N . -21.86 13.02 19.16
C1 EDO O . -0.40 16.32 21.98
O1 EDO O . 0.39 17.33 21.41
C2 EDO O . -0.58 15.22 20.94
O2 EDO O . 0.65 14.63 20.69
C1 GOL P . 16.59 -6.22 -12.23
O1 GOL P . 17.06 -7.27 -11.42
C2 GOL P . 15.29 -6.74 -12.89
O2 GOL P . 14.64 -7.65 -12.08
C3 GOL P . 14.40 -5.45 -13.21
O3 GOL P . 13.38 -5.81 -14.14
MN MN Q . 0.42 2.55 -0.45
#